data_4J1Q
#
_entry.id   4J1Q
#
_cell.length_a   59.529
_cell.length_b   59.529
_cell.length_c   220.792
_cell.angle_alpha   90.00
_cell.angle_beta   90.00
_cell.angle_gamma   120.00
#
_symmetry.space_group_name_H-M   'P 61'
#
loop_
_entity.id
_entity.type
_entity.pdbx_description
1 polymer 'Polyketide synthase PksJ'
2 non-polymer 'NADPH DIHYDRO-NICOTINAMIDE-ADENINE-DINUCLEOTIDE PHOSPHATE'
#
_entity_poly.entity_id   1
_entity_poly.type   'polypeptide(L)'
_entity_poly.pdbx_seq_one_letter_code
;MGSSHHHHHHSSGLVPRGSHMERLMLEPVWEKQNEEREDEDLSYTEHIIVLFETERSVTDSIASHMKDARVITLNEAVGH
IAERYQCYMQNIFELLQSKVRKLSAGRIIIQAIVPLEKEKQLFAGVSGLFKTAEIEFSKLTAQVIEIEKPEEMIDLHLKL
KDDSRRPFDKQIRYEAGYRFVKGWREMVLPSADTLHMPWRDEGVYLITGGAGSLGLLFAKEIANRTGRSTIVLTGRSVLS
EDKENELEALRSIGAEVVYREADVSDQHAVRHLLEEIKERYGTLNGIIHGAGSSKDRFIIHKTNEEFQEVLQPKVSGLLH
VDECSKDFPLDFFIFFSSVSGCLGNAGQADYAAANSFMDAFAEYRRSLAASKKRFGSTISFNWPLWEEGGMQVGAEDEKR
MLKTTGMVPMPTDSGLKAFYQGIVSDKPQVFVMEGQLQKMKQKLLSAGSKAKRNDQRKADQDQG
;
_entity_poly.pdbx_strand_id   A
#
# COMPACT_ATOMS: atom_id res chain seq x y z
N HIS A 20 13.25 14.17 -22.55
CA HIS A 20 11.87 14.74 -22.67
C HIS A 20 10.90 14.11 -21.71
N MET A 21 11.32 13.02 -21.07
CA MET A 21 10.55 12.43 -19.99
C MET A 21 11.24 12.69 -18.65
N GLU A 22 10.46 12.97 -17.62
CA GLU A 22 11.02 13.15 -16.29
C GLU A 22 10.21 12.44 -15.23
N ARG A 23 10.90 11.93 -14.23
CA ARG A 23 10.23 11.52 -13.04
C ARG A 23 9.48 12.73 -12.53
N LEU A 24 8.18 12.59 -12.37
CA LEU A 24 7.40 13.43 -11.47
C LEU A 24 7.31 12.69 -10.14
N MET A 25 7.25 13.40 -9.02
CA MET A 25 7.36 12.73 -7.72
C MET A 25 6.50 13.42 -6.66
N LEU A 26 5.61 12.68 -5.97
CA LEU A 26 4.53 13.28 -5.18
C LEU A 26 4.44 12.80 -3.72
N GLU A 27 3.70 13.54 -2.92
CA GLU A 27 3.70 13.24 -1.53
C GLU A 27 2.36 13.61 -0.93
N PRO A 28 1.70 12.67 -0.23
CA PRO A 28 0.25 12.85 0.15
C PRO A 28 0.07 13.95 1.19
N VAL A 29 -0.99 14.75 1.10
CA VAL A 29 -1.22 15.84 2.07
C VAL A 29 -2.69 15.93 2.51
N TRP A 30 -2.90 16.16 3.79
CA TRP A 30 -4.19 16.59 4.29
C TRP A 30 -4.35 18.06 4.16
N GLU A 31 -5.27 18.47 3.27
CA GLU A 31 -5.52 19.90 3.03
C GLU A 31 -6.93 20.29 3.44
N LYS A 32 -7.13 21.58 3.70
CA LYS A 32 -8.48 22.15 3.68
C LYS A 32 -8.86 22.50 2.25
N GLN A 33 -9.95 21.91 1.77
CA GLN A 33 -10.33 22.06 0.37
C GLN A 33 -11.83 21.83 0.16
N ASN A 34 -12.62 22.85 0.47
CA ASN A 34 -14.08 22.75 0.43
C ASN A 34 -14.74 23.80 -0.47
N GLU A 35 -14.18 23.97 -1.66
CA GLU A 35 -14.46 25.14 -2.48
C GLU A 35 -15.90 25.20 -2.99
N GLU A 36 -16.42 24.07 -3.48
CA GLU A 36 -17.76 24.02 -4.05
C GLU A 36 -18.70 23.21 -3.18
N LEU A 42 -25.39 14.68 -8.27
CA LEU A 42 -26.68 14.06 -8.54
C LEU A 42 -27.12 13.16 -7.38
N SER A 43 -28.18 12.39 -7.64
CA SER A 43 -28.91 11.68 -6.58
C SER A 43 -28.55 10.19 -6.55
N TYR A 44 -28.65 9.60 -5.36
CA TYR A 44 -28.22 8.22 -5.16
C TYR A 44 -29.40 7.25 -5.02
N THR A 45 -29.41 6.22 -5.86
CA THR A 45 -30.32 5.10 -5.69
C THR A 45 -30.15 4.41 -4.34
N GLU A 46 -28.92 4.47 -3.79
CA GLU A 46 -28.63 3.77 -2.56
C GLU A 46 -27.50 4.41 -1.77
N HIS A 47 -27.57 4.30 -0.45
CA HIS A 47 -26.57 4.85 0.45
C HIS A 47 -26.14 3.83 1.45
N ILE A 48 -24.84 3.53 1.42
CA ILE A 48 -24.25 2.52 2.29
C ILE A 48 -23.12 3.08 3.11
N ILE A 49 -23.12 2.77 4.39
CA ILE A 49 -22.06 3.20 5.28
C ILE A 49 -21.51 2.02 6.07
N VAL A 50 -20.19 1.87 6.04
CA VAL A 50 -19.52 0.73 6.65
C VAL A 50 -18.65 1.23 7.78
N LEU A 51 -18.87 0.72 8.99
CA LEU A 51 -18.12 1.14 10.19
C LEU A 51 -17.14 0.08 10.62
N PHE A 52 -15.87 0.47 10.76
CA PHE A 52 -14.81 -0.45 11.06
C PHE A 52 -14.54 -0.48 12.56
N GLU A 53 -15.22 -1.38 13.25
CA GLU A 53 -15.02 -1.56 14.68
C GLU A 53 -15.18 -0.25 15.42
N THR A 54 -16.17 0.52 14.96
CA THR A 54 -16.51 1.79 15.59
C THR A 54 -17.21 1.50 16.91
N GLU A 55 -17.51 2.56 17.66
CA GLU A 55 -18.24 2.42 18.92
C GLU A 55 -19.72 2.07 18.73
N ARG A 56 -20.19 1.19 19.61
CA ARG A 56 -21.58 0.75 19.65
C ARG A 56 -22.49 1.96 19.53
N SER A 57 -22.16 2.97 20.33
CA SER A 57 -22.94 4.17 20.41
C SER A 57 -23.00 4.77 19.01
N VAL A 58 -21.84 4.81 18.38
CA VAL A 58 -21.72 5.42 17.07
C VAL A 58 -22.68 4.73 16.11
N THR A 59 -22.62 3.40 16.14
CA THR A 59 -23.45 2.58 15.27
C THR A 59 -24.92 2.96 15.42
N ASP A 60 -25.41 2.94 16.65
CA ASP A 60 -26.81 3.15 16.91
C ASP A 60 -27.25 4.55 16.50
N SER A 61 -26.46 5.54 16.88
CA SER A 61 -26.81 6.92 16.58
C SER A 61 -26.94 7.07 15.09
N ILE A 62 -25.95 6.57 14.36
CA ILE A 62 -25.94 6.71 12.92
C ILE A 62 -27.14 6.03 12.27
N ALA A 63 -27.41 4.79 12.66
CA ALA A 63 -28.50 4.07 12.02
C ALA A 63 -29.78 4.88 12.22
N SER A 64 -30.00 5.32 13.45
CA SER A 64 -31.22 6.02 13.79
C SER A 64 -31.34 7.28 12.94
N HIS A 65 -30.23 8.00 12.85
CA HIS A 65 -30.23 9.28 12.16
C HIS A 65 -30.24 9.16 10.67
N MET A 66 -29.80 8.01 10.15
CA MET A 66 -29.57 7.86 8.71
C MET A 66 -30.38 6.73 8.10
N LYS A 67 -31.61 6.55 8.56
CA LYS A 67 -32.33 5.32 8.24
C LYS A 67 -32.62 5.18 6.75
N ASP A 68 -32.25 6.19 5.97
CA ASP A 68 -32.31 6.12 4.50
C ASP A 68 -31.06 5.50 3.86
N ALA A 69 -30.15 4.98 4.71
CA ALA A 69 -28.92 4.36 4.24
C ALA A 69 -28.78 3.02 4.94
N ARG A 70 -28.28 2.00 4.23
CA ARG A 70 -27.93 0.77 4.92
C ARG A 70 -26.68 0.99 5.75
N VAL A 71 -26.66 0.38 6.93
CA VAL A 71 -25.51 0.52 7.79
C VAL A 71 -24.93 -0.85 8.13
N ILE A 72 -23.65 -1.02 7.84
CA ILE A 72 -22.98 -2.28 8.10
C ILE A 72 -21.92 -2.12 9.16
N THR A 73 -21.89 -3.03 10.10
CA THR A 73 -21.02 -2.95 11.23
C THR A 73 -20.04 -4.10 11.17
N LEU A 74 -18.79 -3.80 10.86
CA LEU A 74 -17.76 -4.80 10.97
C LEU A 74 -17.11 -4.67 12.32
N ASN A 75 -17.35 -5.66 13.18
CA ASN A 75 -16.68 -5.74 14.47
C ASN A 75 -16.18 -7.16 14.66
N GLU A 76 -16.43 -7.99 13.67
CA GLU A 76 -16.67 -9.40 13.96
C GLU A 76 -15.42 -10.29 14.00
N ALA A 77 -14.38 -9.93 13.26
CA ALA A 77 -13.23 -10.83 13.08
C ALA A 77 -12.29 -10.91 14.27
N VAL A 78 -11.66 -12.08 14.43
CA VAL A 78 -10.61 -12.27 15.42
C VAL A 78 -9.29 -12.54 14.71
N GLY A 79 -8.24 -11.84 15.12
CA GLY A 79 -6.92 -12.03 14.56
C GLY A 79 -6.04 -10.85 14.89
N HIS A 80 -4.80 -10.90 14.44
CA HIS A 80 -4.02 -9.67 14.47
C HIS A 80 -4.59 -8.72 13.44
N ILE A 81 -4.20 -7.46 13.58
CA ILE A 81 -4.77 -6.39 12.80
C ILE A 81 -4.82 -6.74 11.31
N ALA A 82 -3.78 -7.42 10.84
CA ALA A 82 -3.72 -7.79 9.43
C ALA A 82 -4.80 -8.78 9.09
N GLU A 83 -5.03 -9.72 9.99
CA GLU A 83 -6.04 -10.74 9.80
C GLU A 83 -7.40 -10.09 9.69
N ARG A 84 -7.64 -9.10 10.51
CA ARG A 84 -8.93 -8.43 10.57
C ARG A 84 -9.16 -7.62 9.32
N TYR A 85 -8.12 -6.93 8.86
CA TYR A 85 -8.13 -6.20 7.59
C TYR A 85 -8.46 -7.11 6.41
N GLN A 86 -7.72 -8.20 6.28
CA GLN A 86 -7.98 -9.14 5.17
C GLN A 86 -9.44 -9.59 5.19
N CYS A 87 -9.94 -9.94 6.38
CA CYS A 87 -11.33 -10.33 6.54
C CYS A 87 -12.29 -9.22 6.09
N TYR A 88 -12.08 -8.01 6.57
CA TYR A 88 -13.03 -6.93 6.29
C TYR A 88 -12.98 -6.52 4.84
N MET A 89 -11.79 -6.59 4.24
CA MET A 89 -11.63 -6.31 2.82
C MET A 89 -12.44 -7.29 1.98
N GLN A 90 -12.42 -8.55 2.38
CA GLN A 90 -13.22 -9.55 1.70
C GLN A 90 -14.70 -9.27 1.85
N ASN A 91 -15.11 -8.81 3.03
CA ASN A 91 -16.52 -8.41 3.22
C ASN A 91 -16.91 -7.25 2.32
N ILE A 92 -16.06 -6.22 2.22
CA ILE A 92 -16.31 -5.11 1.29
C ILE A 92 -16.40 -5.66 -0.10
N PHE A 93 -15.48 -6.56 -0.40
CA PHE A 93 -15.34 -7.13 -1.72
C PHE A 93 -16.59 -7.92 -2.09
N GLU A 94 -17.14 -8.65 -1.12
CA GLU A 94 -18.33 -9.49 -1.39
C GLU A 94 -19.57 -8.63 -1.47
N LEU A 95 -19.57 -7.53 -0.74
CA LEU A 95 -20.59 -6.51 -0.85
C LEU A 95 -20.70 -5.93 -2.26
N LEU A 96 -19.59 -5.49 -2.83
CA LEU A 96 -19.60 -4.95 -4.20
C LEU A 96 -20.15 -5.97 -5.18
N GLN A 97 -19.54 -7.15 -5.21
CA GLN A 97 -19.96 -8.21 -6.11
C GLN A 97 -21.47 -8.33 -6.16
N SER A 98 -22.08 -8.38 -4.97
CA SER A 98 -23.51 -8.59 -4.84
C SER A 98 -24.29 -7.44 -5.48
N LYS A 99 -23.88 -6.22 -5.18
CA LYS A 99 -24.60 -5.05 -5.58
C LYS A 99 -24.34 -4.77 -7.04
N VAL A 100 -23.72 -5.71 -7.72
CA VAL A 100 -23.18 -5.44 -9.03
C VAL A 100 -24.27 -5.10 -10.04
N ARG A 101 -25.40 -5.79 -9.95
CA ARG A 101 -26.51 -5.53 -10.85
C ARG A 101 -27.10 -4.14 -10.60
N LYS A 102 -27.19 -3.74 -9.35
CA LYS A 102 -27.63 -2.39 -9.03
C LYS A 102 -26.73 -1.33 -9.66
N LEU A 103 -25.43 -1.43 -9.39
CA LEU A 103 -24.48 -0.45 -9.92
C LEU A 103 -24.73 -0.27 -11.41
N SER A 104 -25.09 -1.34 -12.10
CA SER A 104 -25.42 -1.20 -13.50
C SER A 104 -26.63 -0.29 -13.63
N ALA A 105 -27.62 -0.50 -12.76
CA ALA A 105 -28.90 0.19 -12.89
C ALA A 105 -28.78 1.66 -12.53
N GLY A 106 -28.13 1.95 -11.40
CA GLY A 106 -28.21 3.29 -10.82
C GLY A 106 -27.09 3.58 -9.85
N ARG A 107 -27.04 4.84 -9.39
CA ARG A 107 -25.93 5.31 -8.59
C ARG A 107 -25.95 4.87 -7.14
N ILE A 108 -24.76 4.74 -6.59
CA ILE A 108 -24.66 4.36 -5.22
C ILE A 108 -23.48 5.00 -4.51
N ILE A 109 -23.64 5.16 -3.20
CA ILE A 109 -22.63 5.77 -2.36
C ILE A 109 -22.28 4.82 -1.22
N ILE A 110 -20.99 4.48 -1.11
CA ILE A 110 -20.46 3.83 0.08
C ILE A 110 -19.52 4.76 0.80
N GLN A 111 -19.69 4.84 2.11
CA GLN A 111 -18.79 5.60 2.96
C GLN A 111 -18.24 4.69 4.04
N ALA A 112 -16.92 4.63 4.12
CA ALA A 112 -16.28 3.82 5.14
C ALA A 112 -15.87 4.72 6.27
N ILE A 113 -16.22 4.32 7.48
CA ILE A 113 -15.85 5.09 8.65
C ILE A 113 -14.74 4.40 9.37
N VAL A 114 -13.58 5.04 9.35
CA VAL A 114 -12.40 4.50 9.98
C VAL A 114 -12.06 5.46 11.12
N PRO A 115 -12.04 4.93 12.35
CA PRO A 115 -11.55 5.70 13.47
C PRO A 115 -10.04 5.61 13.57
N LEU A 116 -9.38 6.76 13.52
CA LEU A 116 -7.98 6.84 13.93
C LEU A 116 -7.87 6.41 15.38
N GLU A 117 -7.16 5.32 15.60
CA GLU A 117 -6.97 4.77 16.92
C GLU A 117 -5.74 3.91 16.81
N LYS A 118 -5.46 3.11 17.83
CA LYS A 118 -4.19 2.41 17.95
C LYS A 118 -3.77 1.70 16.65
N GLU A 119 -4.64 0.84 16.13
CA GLU A 119 -4.31 0.06 14.94
C GLU A 119 -5.39 0.23 13.90
N LYS A 120 -6.51 0.80 14.28
CA LYS A 120 -7.69 0.89 13.43
C LYS A 120 -7.44 1.86 12.28
N GLN A 121 -6.36 2.61 12.41
CA GLN A 121 -5.86 3.50 11.38
C GLN A 121 -5.67 2.72 10.06
N LEU A 122 -5.09 1.53 10.19
CA LEU A 122 -4.78 0.69 9.06
C LEU A 122 -5.97 0.36 8.14
N PHE A 123 -7.18 0.29 8.69
CA PHE A 123 -8.40 0.08 7.90
C PHE A 123 -8.56 1.17 6.84
N ALA A 124 -7.91 2.30 7.03
CA ALA A 124 -7.94 3.39 6.04
C ALA A 124 -7.43 2.91 4.69
N GLY A 125 -6.60 1.86 4.73
CA GLY A 125 -6.22 1.15 3.52
C GLY A 125 -7.37 0.74 2.60
N VAL A 126 -8.57 0.58 3.15
CA VAL A 126 -9.71 0.16 2.34
C VAL A 126 -9.86 1.09 1.14
N SER A 127 -9.20 2.24 1.20
CA SER A 127 -9.21 3.18 0.09
C SER A 127 -8.66 2.65 -1.25
N GLY A 128 -7.62 1.83 -1.22
CA GLY A 128 -7.18 1.13 -2.43
C GLY A 128 -8.31 0.36 -3.09
N LEU A 129 -9.07 -0.38 -2.29
CA LEU A 129 -10.22 -1.12 -2.81
C LEU A 129 -11.31 -0.18 -3.40
N PHE A 130 -11.60 0.91 -2.70
CA PHE A 130 -12.67 1.87 -3.12
C PHE A 130 -12.35 2.58 -4.46
N LYS A 131 -11.10 2.97 -4.63
CA LYS A 131 -10.64 3.54 -5.89
C LYS A 131 -10.74 2.56 -7.06
N THR A 132 -10.38 1.30 -6.85
CA THR A 132 -10.54 0.30 -7.91
C THR A 132 -12.01 0.07 -8.21
N ALA A 133 -12.81 -0.14 -7.17
CA ALA A 133 -14.26 -0.28 -7.33
C ALA A 133 -14.89 0.85 -8.18
N GLU A 134 -14.47 2.11 -7.94
CA GLU A 134 -14.95 3.27 -8.73
C GLU A 134 -14.58 3.19 -10.21
N ILE A 135 -13.35 2.75 -10.50
CA ILE A 135 -12.94 2.57 -11.89
C ILE A 135 -13.78 1.48 -12.60
N GLU A 136 -14.08 0.40 -11.88
CA GLU A 136 -14.77 -0.75 -12.45
C GLU A 136 -16.28 -0.51 -12.50
N PHE A 137 -16.78 0.35 -11.62
CA PHE A 137 -18.21 0.63 -11.55
C PHE A 137 -18.51 2.11 -11.78
N SER A 138 -18.86 2.47 -13.02
CA SER A 138 -19.15 3.86 -13.42
C SER A 138 -19.90 4.71 -12.38
N LYS A 139 -20.89 4.14 -11.71
CA LYS A 139 -21.92 4.93 -11.04
C LYS A 139 -21.81 4.80 -9.53
N LEU A 140 -20.63 4.40 -9.09
CA LEU A 140 -20.34 4.27 -7.67
C LEU A 140 -19.55 5.48 -7.20
N THR A 141 -19.95 6.01 -6.05
CA THR A 141 -19.15 6.95 -5.28
C THR A 141 -18.67 6.25 -4.02
N ALA A 142 -17.36 6.20 -3.79
CA ALA A 142 -16.82 5.57 -2.60
C ALA A 142 -15.89 6.50 -1.81
N GLN A 143 -16.22 6.71 -0.54
CA GLN A 143 -15.44 7.60 0.30
C GLN A 143 -14.97 6.87 1.53
N VAL A 144 -13.72 7.15 1.91
CA VAL A 144 -13.24 6.65 3.18
C VAL A 144 -13.10 7.86 4.10
N ILE A 145 -13.69 7.74 5.29
CA ILE A 145 -13.76 8.86 6.21
C ILE A 145 -13.13 8.45 7.54
N GLU A 146 -12.00 9.07 7.85
CA GLU A 146 -11.23 8.70 9.04
C GLU A 146 -11.61 9.66 10.17
N ILE A 147 -11.92 9.12 11.34
CA ILE A 147 -12.48 9.93 12.41
C ILE A 147 -11.74 9.67 13.70
N GLU A 148 -11.25 10.73 14.33
CA GLU A 148 -10.44 10.64 15.53
C GLU A 148 -11.19 10.07 16.74
N LYS A 149 -12.40 10.56 16.98
CA LYS A 149 -13.32 9.91 17.93
C LYS A 149 -14.74 10.15 17.49
N PRO A 150 -15.25 9.28 16.59
CA PRO A 150 -16.54 9.57 16.00
C PRO A 150 -17.71 9.56 17.02
N GLU A 151 -17.71 8.64 17.98
CA GLU A 151 -18.84 8.54 18.91
C GLU A 151 -19.06 9.86 19.61
N GLU A 152 -17.96 10.48 20.03
CA GLU A 152 -18.04 11.73 20.77
C GLU A 152 -18.72 12.81 19.94
N MET A 153 -18.49 12.80 18.65
CA MET A 153 -19.19 13.74 17.78
C MET A 153 -20.60 13.25 17.44
N ILE A 154 -21.60 14.06 17.76
CA ILE A 154 -22.98 13.74 17.36
C ILE A 154 -23.48 14.72 16.31
N ASP A 155 -22.54 15.40 15.68
CA ASP A 155 -22.82 16.21 14.51
C ASP A 155 -22.62 15.36 13.25
N LEU A 156 -22.39 14.06 13.45
CA LEU A 156 -21.77 13.23 12.43
C LEU A 156 -22.62 13.13 11.15
N HIS A 157 -23.91 12.90 11.31
CA HIS A 157 -24.81 12.59 10.20
C HIS A 157 -24.85 13.66 9.12
N LEU A 158 -24.83 14.93 9.52
CA LEU A 158 -24.80 16.04 8.56
C LEU A 158 -23.53 16.03 7.71
N LYS A 159 -22.40 15.73 8.35
CA LYS A 159 -21.15 15.65 7.62
C LYS A 159 -21.21 14.57 6.56
N LEU A 160 -21.61 13.38 6.96
CA LEU A 160 -21.69 12.25 6.03
C LEU A 160 -22.61 12.66 4.89
N LYS A 161 -23.77 13.21 5.27
CA LYS A 161 -24.70 13.78 4.32
C LYS A 161 -24.04 14.89 3.50
N ASP A 162 -23.33 15.79 4.16
CA ASP A 162 -22.59 16.83 3.45
C ASP A 162 -21.43 16.27 2.57
N ASP A 163 -20.75 15.24 3.07
CA ASP A 163 -19.68 14.61 2.27
C ASP A 163 -20.28 13.91 1.06
N SER A 164 -21.42 13.25 1.28
CA SER A 164 -22.16 12.61 0.20
C SER A 164 -22.48 13.60 -0.91
N ARG A 165 -22.53 14.88 -0.57
CA ARG A 165 -22.87 15.91 -1.55
C ARG A 165 -21.65 16.44 -2.33
N ARG A 166 -20.45 16.08 -1.87
CA ARG A 166 -19.23 16.28 -2.66
C ARG A 166 -18.57 14.96 -3.02
N PRO A 167 -19.08 14.28 -4.07
CA PRO A 167 -18.58 12.94 -4.43
C PRO A 167 -17.07 12.96 -4.65
N PHE A 168 -16.58 14.05 -5.23
CA PHE A 168 -15.19 14.14 -5.68
C PHE A 168 -14.20 14.11 -4.51
N ASP A 169 -14.71 14.04 -3.29
CA ASP A 169 -13.88 13.93 -2.08
C ASP A 169 -13.74 12.48 -1.67
N LYS A 170 -12.57 11.91 -1.96
CA LYS A 170 -12.38 10.47 -1.90
C LYS A 170 -11.84 10.02 -0.55
N GLN A 171 -10.95 10.84 0.02
CA GLN A 171 -10.40 10.57 1.33
C GLN A 171 -10.53 11.79 2.21
N ILE A 172 -11.18 11.60 3.34
CA ILE A 172 -11.64 12.70 4.16
C ILE A 172 -11.24 12.43 5.60
N ARG A 173 -10.81 13.47 6.30
CA ARG A 173 -10.33 13.34 7.65
C ARG A 173 -11.00 14.34 8.61
N TYR A 174 -11.55 13.82 9.70
CA TYR A 174 -12.07 14.66 10.79
C TYR A 174 -11.29 14.38 12.07
N GLU A 175 -10.56 15.40 12.53
CA GLU A 175 -9.91 15.37 13.83
C GLU A 175 -9.72 16.82 14.28
N ALA A 176 -10.01 17.12 15.55
CA ALA A 176 -9.82 18.47 16.11
C ALA A 176 -10.60 19.59 15.40
N GLY A 177 -11.90 19.36 15.22
CA GLY A 177 -12.80 20.36 14.65
C GLY A 177 -12.40 20.66 13.23
N TYR A 178 -11.49 19.84 12.71
CA TYR A 178 -10.92 20.00 11.39
C TYR A 178 -11.58 19.06 10.35
N ARG A 179 -11.80 19.57 9.14
CA ARG A 179 -12.17 18.68 8.03
C ARG A 179 -11.14 18.73 6.89
N PHE A 180 -10.34 17.67 6.78
CA PHE A 180 -9.32 17.55 5.73
C PHE A 180 -9.70 16.57 4.63
N VAL A 181 -9.18 16.84 3.43
CA VAL A 181 -9.27 15.96 2.29
C VAL A 181 -7.82 15.57 1.90
N LYS A 182 -7.59 14.35 1.43
CA LYS A 182 -6.25 13.96 0.95
C LYS A 182 -6.05 14.35 -0.51
N GLY A 183 -4.87 14.88 -0.81
CA GLY A 183 -4.48 15.24 -2.17
C GLY A 183 -2.95 15.11 -2.26
N TRP A 184 -2.35 15.69 -3.29
CA TRP A 184 -0.97 15.40 -3.65
C TRP A 184 -0.16 16.66 -3.78
N ARG A 185 0.74 16.89 -2.81
CA ARG A 185 1.75 17.94 -2.94
C ARG A 185 3.03 17.42 -3.59
N GLU A 186 3.44 18.12 -4.64
CA GLU A 186 4.70 17.82 -5.33
C GLU A 186 5.92 17.96 -4.43
N MET A 187 6.89 17.09 -4.65
CA MET A 187 8.18 17.18 -3.97
C MET A 187 9.23 17.65 -4.98
N VAL A 188 10.18 18.45 -4.52
CA VAL A 188 11.20 18.96 -5.43
C VAL A 188 12.60 18.86 -4.84
N ASP A 193 21.55 17.07 -7.02
CA ASP A 193 22.94 16.62 -7.08
C ASP A 193 23.05 15.11 -6.98
N THR A 194 24.27 14.61 -6.90
CA THR A 194 24.46 13.18 -6.65
C THR A 194 23.92 12.81 -5.28
N LEU A 195 23.41 11.59 -5.15
CA LEU A 195 22.52 11.23 -4.05
C LEU A 195 23.23 10.62 -2.84
N HIS A 196 22.78 11.00 -1.65
CA HIS A 196 23.15 10.34 -0.41
C HIS A 196 22.59 8.94 -0.41
N MET A 197 23.17 8.07 0.40
CA MET A 197 22.76 6.67 0.40
C MET A 197 22.81 6.01 1.76
N PRO A 198 22.01 4.95 1.93
CA PRO A 198 21.78 4.32 3.22
C PRO A 198 22.70 3.13 3.49
N TRP A 199 23.56 2.80 2.54
CA TRP A 199 24.36 1.58 2.61
C TRP A 199 25.47 1.60 3.63
N ARG A 200 25.55 0.53 4.42
CA ARG A 200 26.75 0.20 5.20
C ARG A 200 27.54 -0.88 4.50
N ASP A 201 28.83 -0.60 4.27
CA ASP A 201 29.68 -1.46 3.44
C ASP A 201 29.71 -2.88 3.99
N GLU A 202 29.79 -3.00 5.30
CA GLU A 202 29.42 -4.26 5.94
C GLU A 202 28.00 -4.18 6.50
N GLY A 203 27.42 -5.31 6.85
CA GLY A 203 26.09 -5.34 7.45
C GLY A 203 25.00 -5.88 6.54
N VAL A 204 23.84 -6.16 7.12
CA VAL A 204 22.90 -7.07 6.52
C VAL A 204 21.63 -6.39 5.98
N TYR A 205 21.28 -6.73 4.74
CA TYR A 205 20.05 -6.29 4.12
C TYR A 205 19.31 -7.53 3.64
N LEU A 206 18.00 -7.58 3.92
CA LEU A 206 17.11 -8.53 3.28
C LEU A 206 16.05 -7.91 2.39
N ILE A 207 15.70 -8.66 1.36
CA ILE A 207 14.67 -8.29 0.45
C ILE A 207 13.71 -9.47 0.38
N THR A 208 12.54 -9.33 0.99
CA THR A 208 11.48 -10.28 0.79
C THR A 208 10.97 -10.06 -0.60
N GLY A 209 10.60 -11.15 -1.27
CA GLY A 209 10.40 -11.13 -2.72
C GLY A 209 11.71 -10.92 -3.46
N GLY A 210 12.80 -11.26 -2.81
CA GLY A 210 14.13 -10.87 -3.27
C GLY A 210 14.56 -11.52 -4.59
N ALA A 211 14.08 -12.71 -4.91
CA ALA A 211 14.44 -13.37 -6.17
C ALA A 211 13.56 -12.92 -7.34
N GLY A 212 12.59 -12.05 -7.06
CA GLY A 212 11.79 -11.44 -8.12
C GLY A 212 12.61 -10.42 -8.87
N SER A 213 12.03 -9.89 -9.95
CA SER A 213 12.80 -9.09 -10.89
C SER A 213 13.28 -7.76 -10.29
N LEU A 214 12.49 -7.19 -9.39
CA LEU A 214 12.90 -5.94 -8.74
C LEU A 214 13.88 -6.18 -7.62
N GLY A 215 13.68 -7.26 -6.88
CA GLY A 215 14.57 -7.61 -5.79
C GLY A 215 15.96 -7.99 -6.26
N LEU A 216 16.06 -8.46 -7.50
CA LEU A 216 17.37 -8.77 -8.04
C LEU A 216 18.05 -7.46 -8.43
N LEU A 217 17.29 -6.55 -8.99
CA LEU A 217 17.82 -5.25 -9.40
C LEU A 217 18.41 -4.54 -8.21
N PHE A 218 17.65 -4.48 -7.12
CA PHE A 218 18.13 -3.85 -5.90
C PHE A 218 19.25 -4.65 -5.24
N ALA A 219 19.28 -5.95 -5.51
CA ALA A 219 20.40 -6.80 -5.09
C ALA A 219 21.72 -6.38 -5.75
N LYS A 220 21.71 -6.27 -7.07
CA LYS A 220 22.86 -5.78 -7.81
C LYS A 220 23.29 -4.40 -7.32
N GLU A 221 22.33 -3.49 -7.21
CA GLU A 221 22.61 -2.14 -6.75
C GLU A 221 23.36 -2.17 -5.42
N ILE A 222 22.83 -2.93 -4.48
CA ILE A 222 23.51 -3.10 -3.21
C ILE A 222 24.91 -3.65 -3.45
N ALA A 223 25.01 -4.60 -4.39
CA ALA A 223 26.30 -5.22 -4.74
C ALA A 223 27.31 -4.18 -5.22
N ASN A 224 26.86 -3.33 -6.13
CA ASN A 224 27.70 -2.27 -6.67
C ASN A 224 28.15 -1.31 -5.59
N ARG A 225 27.25 -1.02 -4.67
CA ARG A 225 27.47 0.06 -3.71
C ARG A 225 28.23 -0.43 -2.48
N THR A 226 28.08 -1.70 -2.17
CA THR A 226 28.21 -2.15 -0.78
C THR A 226 29.63 -2.52 -0.40
N GLY A 227 30.31 -3.29 -1.24
CA GLY A 227 31.67 -3.72 -0.94
C GLY A 227 31.77 -5.07 -0.27
N ARG A 228 31.44 -5.13 1.02
CA ARG A 228 31.50 -6.39 1.79
C ARG A 228 30.14 -6.76 2.36
N SER A 229 29.10 -6.65 1.56
CA SER A 229 27.75 -6.64 2.11
C SER A 229 27.14 -8.04 2.23
N THR A 230 26.09 -8.14 3.06
CA THR A 230 25.31 -9.38 3.15
C THR A 230 23.85 -9.16 2.72
N ILE A 231 23.41 -9.89 1.72
CA ILE A 231 22.08 -9.71 1.15
C ILE A 231 21.32 -11.02 1.23
N VAL A 232 20.29 -11.07 2.08
CA VAL A 232 19.44 -12.23 2.23
C VAL A 232 18.16 -12.07 1.40
N LEU A 233 18.11 -12.76 0.27
CA LEU A 233 16.94 -12.78 -0.59
C LEU A 233 16.01 -13.89 -0.20
N THR A 234 14.72 -13.58 -0.10
CA THR A 234 13.74 -14.58 0.27
C THR A 234 12.49 -14.60 -0.62
N GLY A 235 11.92 -15.78 -0.80
CA GLY A 235 10.63 -15.98 -1.46
C GLY A 235 10.12 -17.39 -1.20
N ARG A 236 9.07 -17.81 -1.88
CA ARG A 236 8.61 -19.18 -1.73
C ARG A 236 9.35 -20.19 -2.60
N SER A 237 9.58 -19.86 -3.86
CA SER A 237 10.01 -20.86 -4.82
C SER A 237 11.43 -21.34 -4.50
N VAL A 238 11.67 -22.62 -4.74
CA VAL A 238 13.00 -23.11 -5.09
C VAL A 238 13.59 -22.33 -6.26
N LEU A 239 14.85 -21.96 -6.17
CA LEU A 239 15.52 -21.23 -7.25
C LEU A 239 15.65 -22.09 -8.50
N SER A 240 15.28 -21.53 -9.64
CA SER A 240 15.66 -22.13 -10.92
C SER A 240 17.15 -21.91 -11.20
N GLU A 241 17.66 -22.53 -12.25
CA GLU A 241 19.08 -22.48 -12.56
C GLU A 241 19.53 -21.04 -12.85
N ASP A 242 18.75 -20.36 -13.66
CA ASP A 242 19.12 -19.03 -14.15
C ASP A 242 19.18 -18.05 -13.00
N LYS A 243 18.24 -18.19 -12.07
CA LYS A 243 18.24 -17.38 -10.86
C LYS A 243 19.55 -17.55 -10.09
N GLU A 244 19.95 -18.80 -9.88
CA GLU A 244 21.23 -19.07 -9.24
C GLU A 244 22.37 -18.51 -10.08
N ASN A 245 22.23 -18.62 -11.40
CA ASN A 245 23.20 -18.06 -12.32
C ASN A 245 23.24 -16.55 -12.26
N GLU A 246 22.05 -15.95 -12.27
CA GLU A 246 21.89 -14.51 -12.04
C GLU A 246 22.45 -14.15 -10.67
N LEU A 247 22.17 -15.01 -9.69
CA LEU A 247 22.61 -14.80 -8.32
C LEU A 247 24.13 -14.83 -8.21
N GLU A 248 24.76 -15.71 -8.99
CA GLU A 248 26.16 -16.01 -8.81
C GLU A 248 27.07 -14.83 -9.11
N ALA A 249 26.68 -14.05 -10.10
CA ALA A 249 27.40 -12.82 -10.44
C ALA A 249 27.47 -11.85 -9.25
N LEU A 250 26.37 -11.73 -8.53
CA LEU A 250 26.34 -10.85 -7.36
C LEU A 250 27.29 -11.38 -6.29
N ARG A 251 27.46 -12.69 -6.25
CA ARG A 251 28.49 -13.28 -5.42
C ARG A 251 29.85 -12.80 -5.88
N SER A 252 29.97 -12.52 -7.18
CA SER A 252 31.22 -12.07 -7.77
C SER A 252 31.69 -10.73 -7.19
N ILE A 253 30.75 -9.82 -6.95
CA ILE A 253 31.08 -8.49 -6.42
C ILE A 253 31.74 -8.58 -5.05
N GLY A 254 31.61 -9.73 -4.39
CA GLY A 254 32.21 -9.93 -3.08
C GLY A 254 31.20 -9.78 -1.95
N ALA A 255 29.98 -9.37 -2.30
CA ALA A 255 28.85 -9.48 -1.39
C ALA A 255 28.49 -10.94 -1.16
N GLU A 256 27.99 -11.24 0.03
CA GLU A 256 27.56 -12.59 0.36
C GLU A 256 26.02 -12.67 0.36
N VAL A 257 25.49 -13.59 -0.42
CA VAL A 257 24.05 -13.64 -0.70
C VAL A 257 23.50 -15.02 -0.37
N VAL A 258 22.43 -15.08 0.41
CA VAL A 258 21.85 -16.37 0.80
C VAL A 258 20.33 -16.37 0.58
N TYR A 259 19.83 -17.33 -0.19
CA TYR A 259 18.41 -17.39 -0.46
C TYR A 259 17.65 -18.23 0.56
N ARG A 260 16.74 -17.61 1.29
CA ARG A 260 16.15 -18.33 2.41
C ARG A 260 14.77 -18.93 2.17
N GLU A 261 14.23 -18.80 0.97
CA GLU A 261 13.13 -19.69 0.64
C GLU A 261 12.12 -19.78 1.81
N ALA A 262 11.47 -18.66 2.15
CA ALA A 262 10.45 -18.63 3.22
C ALA A 262 9.18 -17.92 2.75
N ASP A 263 8.04 -18.30 3.32
CA ASP A 263 6.74 -17.68 3.01
C ASP A 263 6.38 -16.62 4.04
N VAL A 264 6.33 -15.35 3.63
CA VAL A 264 6.07 -14.26 4.58
C VAL A 264 4.69 -14.36 5.25
N SER A 265 3.78 -15.07 4.60
CA SER A 265 2.46 -15.37 5.19
C SER A 265 2.55 -16.27 6.42
N ASP A 266 3.61 -17.07 6.47
CA ASP A 266 3.80 -18.05 7.56
C ASP A 266 4.62 -17.39 8.67
N GLN A 267 3.95 -16.95 9.72
CA GLN A 267 4.62 -16.22 10.80
C GLN A 267 5.87 -16.95 11.34
N HIS A 268 5.78 -18.27 11.43
CA HIS A 268 6.85 -19.08 11.99
C HIS A 268 8.05 -19.13 11.09
N ALA A 269 7.79 -19.25 9.79
CA ALA A 269 8.86 -19.18 8.79
C ALA A 269 9.59 -17.85 8.88
N VAL A 270 8.82 -16.77 9.00
CA VAL A 270 9.43 -15.46 9.18
C VAL A 270 10.32 -15.41 10.43
N ARG A 271 9.81 -15.97 11.53
CA ARG A 271 10.55 -15.98 12.80
C ARG A 271 11.89 -16.66 12.61
N HIS A 272 11.86 -17.85 12.02
CA HIS A 272 13.07 -18.61 11.80
C HIS A 272 14.02 -17.82 10.97
N LEU A 273 13.50 -17.21 9.92
CA LEU A 273 14.35 -16.50 9.00
C LEU A 273 15.09 -15.37 9.74
N LEU A 274 14.36 -14.64 10.58
CA LEU A 274 14.97 -13.55 11.32
C LEU A 274 16.00 -14.08 12.32
N GLU A 275 15.64 -15.13 13.03
CA GLU A 275 16.55 -15.72 14.03
C GLU A 275 17.81 -16.25 13.38
N GLU A 276 17.64 -17.06 12.33
CA GLU A 276 18.81 -17.51 11.62
C GLU A 276 19.61 -16.29 11.25
N ILE A 277 18.92 -15.27 10.77
CA ILE A 277 19.59 -13.99 10.53
C ILE A 277 20.42 -13.62 11.77
N LYS A 278 19.78 -13.65 12.94
CA LYS A 278 20.43 -13.20 14.17
C LYS A 278 21.57 -14.13 14.53
N GLU A 279 21.29 -15.42 14.61
CA GLU A 279 22.29 -16.40 14.98
C GLU A 279 23.44 -16.37 13.99
N ARG A 280 23.09 -16.23 12.71
CA ARG A 280 24.07 -16.34 11.64
C ARG A 280 24.95 -15.11 11.61
N TYR A 281 24.34 -13.96 11.88
CA TYR A 281 24.91 -12.67 11.51
C TYR A 281 24.80 -11.71 12.68
N GLY A 282 25.55 -10.62 12.63
CA GLY A 282 25.54 -9.65 13.72
C GLY A 282 24.18 -8.98 13.86
N THR A 283 23.66 -8.49 12.75
CA THR A 283 22.49 -7.63 12.79
C THR A 283 21.79 -7.50 11.45
N LEU A 284 20.68 -6.79 11.46
CA LEU A 284 20.01 -6.42 10.22
C LEU A 284 20.14 -4.91 10.02
N ASN A 285 20.69 -4.50 8.88
CA ASN A 285 20.86 -3.07 8.58
C ASN A 285 19.72 -2.46 7.77
N GLY A 286 18.81 -3.30 7.27
CA GLY A 286 17.84 -2.82 6.31
C GLY A 286 16.93 -3.92 5.81
N ILE A 287 15.69 -3.56 5.50
CA ILE A 287 14.70 -4.48 4.93
C ILE A 287 13.97 -3.79 3.80
N ILE A 288 13.90 -4.43 2.65
CA ILE A 288 12.88 -4.11 1.65
C ILE A 288 11.83 -5.18 1.69
N HIS A 289 10.57 -4.77 1.78
CA HIS A 289 9.47 -5.71 1.62
C HIS A 289 8.99 -5.69 0.21
N GLY A 290 9.45 -6.64 -0.59
CA GLY A 290 9.09 -6.68 -1.99
C GLY A 290 8.20 -7.84 -2.36
N ALA A 291 7.86 -8.66 -1.37
CA ALA A 291 6.99 -9.84 -1.62
C ALA A 291 5.59 -9.44 -2.05
N GLY A 292 5.04 -10.17 -3.01
CA GLY A 292 3.72 -9.89 -3.53
C GLY A 292 3.63 -10.09 -5.01
N SER A 293 2.43 -9.93 -5.53
CA SER A 293 2.12 -10.33 -6.88
C SER A 293 0.74 -9.74 -7.15
N SER A 294 0.45 -9.42 -8.40
CA SER A 294 -0.88 -9.01 -8.78
C SER A 294 -1.51 -10.08 -9.64
N LYS A 295 -2.82 -10.27 -9.50
CA LYS A 295 -3.54 -11.17 -10.37
C LYS A 295 -4.74 -10.48 -10.97
N ASP A 296 -4.63 -10.02 -12.20
CA ASP A 296 -5.66 -9.16 -12.74
C ASP A 296 -6.98 -9.86 -13.03
N ARG A 297 -8.03 -9.38 -12.37
CA ARG A 297 -9.39 -9.75 -12.69
C ARG A 297 -10.35 -8.71 -12.15
N PHE A 298 -11.47 -8.50 -12.83
CA PHE A 298 -12.46 -7.53 -12.40
C PHE A 298 -13.18 -8.07 -11.18
N ILE A 299 -13.59 -7.18 -10.30
CA ILE A 299 -14.23 -7.59 -9.08
C ILE A 299 -15.35 -8.59 -9.34
N ILE A 300 -16.07 -8.42 -10.45
CA ILE A 300 -17.21 -9.29 -10.73
C ILE A 300 -16.84 -10.78 -10.89
N HIS A 301 -15.67 -11.04 -11.45
CA HIS A 301 -15.24 -12.41 -11.67
C HIS A 301 -14.40 -13.06 -10.59
N LYS A 302 -13.67 -12.25 -9.84
CA LYS A 302 -12.63 -12.72 -8.90
C LYS A 302 -13.10 -13.68 -7.80
N THR A 303 -12.26 -14.65 -7.45
CA THR A 303 -12.59 -15.52 -6.34
C THR A 303 -12.11 -14.87 -5.04
N ASN A 304 -12.78 -15.21 -3.94
CA ASN A 304 -12.21 -15.02 -2.60
C ASN A 304 -10.79 -15.56 -2.43
N GLU A 305 -10.51 -16.74 -2.99
CA GLU A 305 -9.19 -17.35 -2.83
C GLU A 305 -8.10 -16.50 -3.44
N GLU A 306 -8.36 -16.02 -4.66
CA GLU A 306 -7.38 -15.20 -5.35
C GLU A 306 -7.20 -13.88 -4.60
N PHE A 307 -8.33 -13.27 -4.24
CA PHE A 307 -8.36 -12.08 -3.42
C PHE A 307 -7.48 -12.18 -2.17
N GLN A 308 -7.72 -13.17 -1.32
CA GLN A 308 -6.90 -13.36 -0.11
C GLN A 308 -5.45 -13.59 -0.47
N GLU A 309 -5.23 -14.31 -1.55
CA GLU A 309 -3.88 -14.72 -1.93
C GLU A 309 -3.03 -13.53 -2.31
N VAL A 310 -3.60 -12.51 -2.95
CA VAL A 310 -2.77 -11.33 -3.19
C VAL A 310 -2.64 -10.37 -2.01
N LEU A 311 -3.60 -10.39 -1.08
CA LEU A 311 -3.48 -9.64 0.17
C LEU A 311 -2.39 -10.19 1.08
N GLN A 312 -2.21 -11.50 1.08
CA GLN A 312 -1.45 -12.16 2.13
C GLN A 312 -0.05 -11.58 2.35
N PRO A 313 0.83 -11.66 1.31
CA PRO A 313 2.24 -11.25 1.50
C PRO A 313 2.41 -9.80 1.89
N LYS A 314 1.47 -8.94 1.46
CA LYS A 314 1.66 -7.50 1.65
C LYS A 314 0.98 -7.05 2.96
N VAL A 315 0.08 -7.88 3.47
CA VAL A 315 -0.69 -7.44 4.62
C VAL A 315 -0.30 -8.19 5.88
N SER A 316 -0.59 -9.48 5.93
CA SER A 316 -0.09 -10.33 7.00
C SER A 316 1.41 -10.52 6.91
N GLY A 317 1.89 -10.74 5.68
CA GLY A 317 3.31 -10.96 5.47
C GLY A 317 4.11 -9.82 6.04
N LEU A 318 3.62 -8.59 5.81
CA LEU A 318 4.31 -7.39 6.24
C LEU A 318 4.27 -7.24 7.75
N LEU A 319 3.09 -7.43 8.34
CA LEU A 319 2.97 -7.40 9.78
C LEU A 319 3.98 -8.37 10.37
N HIS A 320 3.96 -9.63 9.89
CA HIS A 320 4.82 -10.70 10.42
C HIS A 320 6.27 -10.31 10.40
N VAL A 321 6.72 -9.78 9.27
CA VAL A 321 8.08 -9.25 9.16
C VAL A 321 8.34 -8.14 10.17
N ASP A 322 7.48 -7.14 10.17
CA ASP A 322 7.66 -6.01 11.08
C ASP A 322 7.87 -6.52 12.49
N GLU A 323 6.97 -7.37 12.96
CA GLU A 323 6.98 -7.77 14.35
C GLU A 323 8.13 -8.70 14.72
N CYS A 324 8.63 -9.46 13.76
CA CYS A 324 9.78 -10.34 14.02
C CYS A 324 11.10 -9.58 13.99
N SER A 325 11.16 -8.45 13.28
CA SER A 325 12.37 -7.65 13.21
C SER A 325 12.29 -6.40 14.09
N LYS A 326 11.35 -6.40 15.02
CA LYS A 326 11.15 -5.29 15.93
C LYS A 326 12.44 -4.94 16.69
N ASP A 327 13.17 -5.96 17.13
CA ASP A 327 14.31 -5.74 18.03
C ASP A 327 15.63 -5.51 17.29
N PHE A 328 15.56 -5.20 16.01
CA PHE A 328 16.76 -4.98 15.23
C PHE A 328 17.02 -3.50 15.03
N PRO A 329 18.30 -3.10 15.06
CA PRO A 329 18.68 -1.70 14.92
C PRO A 329 18.76 -1.27 13.45
N LEU A 330 17.61 -1.27 12.77
CA LEU A 330 17.57 -1.04 11.32
C LEU A 330 17.91 0.39 10.93
N ASP A 331 18.57 0.56 9.78
CA ASP A 331 18.68 1.87 9.15
C ASP A 331 17.39 2.25 8.40
N PHE A 332 16.65 1.25 7.91
CA PHE A 332 15.41 1.47 7.17
C PHE A 332 14.51 0.25 7.10
N PHE A 333 13.22 0.49 6.89
CA PHE A 333 12.28 -0.56 6.52
C PHE A 333 11.41 0.04 5.41
N ILE A 334 11.69 -0.38 4.17
CA ILE A 334 11.03 0.20 3.01
C ILE A 334 10.09 -0.79 2.34
N PHE A 335 8.83 -0.40 2.17
CA PHE A 335 7.85 -1.25 1.49
C PHE A 335 7.85 -0.90 0.00
N PHE A 336 7.81 -1.91 -0.85
CA PHE A 336 7.59 -1.69 -2.27
C PHE A 336 6.12 -1.78 -2.64
N SER A 337 5.43 -0.64 -2.54
CA SER A 337 4.00 -0.57 -2.82
C SER A 337 3.85 -0.17 -4.29
N SER A 338 2.66 0.27 -4.67
CA SER A 338 2.39 0.46 -6.09
C SER A 338 1.53 1.69 -6.29
N VAL A 339 1.65 2.28 -7.48
CA VAL A 339 0.72 3.30 -7.90
C VAL A 339 -0.78 2.86 -7.82
N SER A 340 -1.02 1.56 -7.92
CA SER A 340 -2.38 1.02 -7.77
C SER A 340 -2.97 1.30 -6.38
N GLY A 341 -2.15 1.15 -5.35
CA GLY A 341 -2.58 1.40 -3.98
C GLY A 341 -3.22 2.77 -3.77
N CYS A 342 -2.75 3.79 -4.49
CA CYS A 342 -3.22 5.17 -4.26
C CYS A 342 -4.10 5.73 -5.38
N LEU A 343 -4.21 5.04 -6.51
CA LEU A 343 -5.06 5.50 -7.61
C LEU A 343 -6.16 4.50 -7.92
N GLY A 344 -6.02 3.31 -7.33
CA GLY A 344 -6.81 2.17 -7.76
C GLY A 344 -6.37 1.80 -9.17
N ASN A 345 -6.84 0.65 -9.66
CA ASN A 345 -6.60 0.23 -11.04
C ASN A 345 -7.55 -0.91 -11.41
N ALA A 346 -8.15 -0.82 -12.59
CA ALA A 346 -9.12 -1.83 -13.03
C ALA A 346 -8.52 -3.23 -12.96
N GLY A 347 -9.23 -4.12 -12.27
CA GLY A 347 -8.76 -5.49 -12.15
C GLY A 347 -7.80 -5.75 -10.99
N GLN A 348 -7.57 -4.76 -10.14
CA GLN A 348 -6.61 -4.95 -9.07
C GLN A 348 -7.15 -4.54 -7.71
N ALA A 349 -8.45 -4.78 -7.48
CA ALA A 349 -9.06 -4.46 -6.20
C ALA A 349 -8.23 -4.93 -5.04
N ASP A 350 -7.76 -6.17 -5.13
CA ASP A 350 -7.02 -6.81 -4.03
C ASP A 350 -5.59 -6.27 -3.93
N TYR A 351 -4.89 -6.20 -5.06
CA TYR A 351 -3.52 -5.63 -5.12
C TYR A 351 -3.49 -4.18 -4.60
N ALA A 352 -4.51 -3.41 -4.96
CA ALA A 352 -4.61 -2.03 -4.50
C ALA A 352 -4.84 -1.92 -2.98
N ALA A 353 -5.70 -2.77 -2.41
CA ALA A 353 -5.99 -2.71 -0.96
C ALA A 353 -4.78 -3.26 -0.15
N ALA A 354 -4.08 -4.21 -0.74
CA ALA A 354 -2.88 -4.74 -0.12
C ALA A 354 -1.84 -3.65 -0.07
N ASN A 355 -1.68 -2.96 -1.20
CA ASN A 355 -0.68 -1.93 -1.31
C ASN A 355 -1.04 -0.73 -0.47
N SER A 356 -2.33 -0.36 -0.43
CA SER A 356 -2.79 0.74 0.45
C SER A 356 -2.55 0.45 1.91
N PHE A 357 -2.74 -0.80 2.33
CA PHE A 357 -2.43 -1.18 3.71
C PHE A 357 -0.97 -0.89 4.05
N MET A 358 -0.05 -1.15 3.10
CA MET A 358 1.38 -0.93 3.36
C MET A 358 1.66 0.53 3.53
N ASP A 359 1.11 1.35 2.63
CA ASP A 359 1.15 2.83 2.78
C ASP A 359 0.67 3.28 4.16
N ALA A 360 -0.47 2.76 4.60
CA ALA A 360 -1.03 3.12 5.91
C ALA A 360 -0.10 2.62 7.01
N PHE A 361 0.51 1.46 6.79
CA PHE A 361 1.42 0.89 7.78
C PHE A 361 2.68 1.74 7.99
N ALA A 362 3.15 2.39 6.93
CA ALA A 362 4.35 3.22 7.01
C ALA A 362 4.19 4.30 8.09
N GLU A 363 3.06 4.98 8.09
CA GLU A 363 2.80 5.99 9.12
C GLU A 363 2.65 5.36 10.49
N TYR A 364 1.96 4.22 10.53
CA TYR A 364 1.73 3.52 11.79
C TYR A 364 3.04 3.04 12.42
N ARG A 365 3.98 2.59 11.59
CA ARG A 365 5.29 2.20 12.10
C ARG A 365 6.08 3.39 12.66
N ARG A 366 6.02 4.53 11.97
CA ARG A 366 6.76 5.72 12.43
C ARG A 366 6.33 6.14 13.83
N SER A 367 5.03 6.10 14.08
CA SER A 367 4.47 6.45 15.38
C SER A 367 5.05 5.52 16.42
N LEU A 368 5.14 4.24 16.07
CA LEU A 368 5.69 3.25 16.96
C LEU A 368 7.15 3.55 17.29
N ALA A 369 7.88 3.98 16.26
CA ALA A 369 9.28 4.33 16.46
C ALA A 369 9.40 5.52 17.43
N ALA A 370 8.49 6.48 17.31
CA ALA A 370 8.46 7.62 18.22
C ALA A 370 8.24 7.13 19.64
N SER A 371 7.41 6.10 19.78
CA SER A 371 7.28 5.40 21.05
C SER A 371 8.60 4.72 21.40
N LYS A 372 9.48 4.62 20.40
CA LYS A 372 10.81 4.03 20.60
C LYS A 372 10.76 2.52 20.45
N LYS A 373 9.56 2.00 20.20
CA LYS A 373 9.33 0.56 20.09
C LYS A 373 9.92 -0.05 18.84
N ARG A 374 9.98 0.73 17.76
CA ARG A 374 10.55 0.24 16.50
C ARG A 374 11.78 1.05 16.07
N PHE A 375 12.70 0.41 15.37
CA PHE A 375 13.97 1.02 15.02
C PHE A 375 14.04 1.31 13.52
N GLY A 376 14.49 2.52 13.16
CA GLY A 376 14.81 2.88 11.78
C GLY A 376 13.67 3.52 10.99
N SER A 377 14.03 4.21 9.91
CA SER A 377 13.06 5.00 9.17
C SER A 377 12.20 4.14 8.22
N THR A 378 10.91 4.46 8.15
CA THR A 378 9.97 3.65 7.39
C THR A 378 9.41 4.43 6.20
N ILE A 379 9.49 3.83 5.02
CA ILE A 379 8.97 4.46 3.82
C ILE A 379 8.22 3.44 3.00
N SER A 380 7.11 3.87 2.40
CA SER A 380 6.43 3.09 1.39
C SER A 380 6.51 3.84 0.05
N PHE A 381 6.96 3.15 -1.00
CA PHE A 381 7.07 3.79 -2.31
C PHE A 381 5.89 3.32 -3.15
N ASN A 382 5.12 4.27 -3.68
CA ASN A 382 4.20 3.91 -4.74
C ASN A 382 4.84 3.94 -6.12
N TRP A 383 5.29 2.76 -6.56
CA TRP A 383 6.05 2.63 -7.80
C TRP A 383 5.12 2.58 -8.97
N PRO A 384 5.53 3.20 -10.08
CA PRO A 384 4.86 2.92 -11.33
C PRO A 384 5.38 1.63 -11.95
N LEU A 385 4.90 1.34 -13.15
CA LEU A 385 5.39 0.21 -13.96
C LEU A 385 6.89 0.39 -14.22
N TRP A 386 7.71 -0.52 -13.74
CA TRP A 386 9.15 -0.51 -14.06
C TRP A 386 9.46 -1.04 -15.43
N GLU A 387 10.43 -0.39 -16.06
CA GLU A 387 10.85 -0.70 -17.42
C GLU A 387 11.23 -2.17 -17.57
N GLU A 388 12.09 -2.64 -16.68
CA GLU A 388 12.40 -4.06 -16.61
C GLU A 388 12.21 -4.60 -15.21
N GLY A 389 11.02 -4.35 -14.66
CA GLY A 389 10.41 -5.29 -13.73
C GLY A 389 9.70 -6.37 -14.53
N GLY A 390 9.88 -7.61 -14.10
CA GLY A 390 8.92 -8.67 -14.37
C GLY A 390 7.59 -8.33 -13.74
N MET A 391 6.79 -9.35 -13.47
CA MET A 391 5.36 -9.15 -13.40
C MET A 391 4.92 -8.65 -14.79
N GLN A 392 4.31 -7.48 -14.84
CA GLN A 392 3.77 -6.94 -16.08
C GLN A 392 4.85 -6.33 -16.99
N VAL A 393 4.63 -6.41 -18.30
CA VAL A 393 5.39 -5.61 -19.28
C VAL A 393 4.40 -4.88 -20.22
N GLY A 394 4.66 -3.60 -20.47
CA GLY A 394 3.63 -2.66 -20.96
C GLY A 394 3.06 -2.97 -22.33
N ALA A 395 3.94 -3.27 -23.28
CA ALA A 395 3.52 -3.69 -24.62
C ALA A 395 2.55 -2.70 -25.25
N GLU A 396 1.43 -3.22 -25.77
CA GLU A 396 0.41 -2.38 -26.39
C GLU A 396 -0.29 -1.49 -25.36
N ASP A 397 -0.59 -2.06 -24.20
CA ASP A 397 -1.25 -1.32 -23.14
C ASP A 397 -0.38 -0.18 -22.71
N GLU A 398 0.91 -0.33 -22.94
CA GLU A 398 1.88 0.68 -22.58
C GLU A 398 1.33 1.98 -23.13
N LYS A 399 0.74 1.89 -24.31
CA LYS A 399 0.37 3.07 -25.06
C LYS A 399 -0.85 3.78 -24.46
N ARG A 400 -1.86 3.00 -24.08
CA ARG A 400 -3.06 3.54 -23.41
C ARG A 400 -2.68 4.19 -22.08
N MET A 401 -1.82 3.51 -21.33
CA MET A 401 -1.38 4.01 -20.04
C MET A 401 -0.59 5.30 -20.23
N LEU A 402 0.07 5.45 -21.38
CA LEU A 402 0.72 6.70 -21.75
C LEU A 402 -0.33 7.70 -22.19
N LYS A 403 -1.27 7.21 -22.99
CA LYS A 403 -2.41 8.02 -23.43
C LYS A 403 -3.46 8.21 -22.33
N THR A 404 -3.75 7.14 -21.61
CA THR A 404 -4.62 7.25 -20.44
C THR A 404 -4.00 8.09 -19.33
N THR A 405 -2.71 7.88 -19.06
CA THR A 405 -2.06 8.47 -17.90
C THR A 405 -0.86 9.37 -18.22
N GLY A 406 -0.27 9.22 -19.40
CA GLY A 406 0.98 9.92 -19.74
C GLY A 406 2.19 9.28 -19.10
N MET A 407 2.02 8.07 -18.60
CA MET A 407 3.06 7.35 -17.90
C MET A 407 3.85 6.47 -18.86
N VAL A 408 5.16 6.33 -18.61
CA VAL A 408 5.98 5.40 -19.35
C VAL A 408 6.66 4.43 -18.42
N PRO A 409 6.90 3.21 -18.94
CA PRO A 409 7.82 2.29 -18.32
C PRO A 409 9.04 3.05 -17.86
N MET A 410 9.29 2.95 -16.56
CA MET A 410 10.28 3.74 -15.85
C MET A 410 11.60 3.01 -15.91
N PRO A 411 12.64 3.70 -16.34
CA PRO A 411 13.99 3.17 -16.45
C PRO A 411 14.62 2.98 -15.08
N THR A 412 15.57 2.05 -14.99
CA THR A 412 16.05 1.53 -13.72
C THR A 412 16.82 2.55 -12.89
N ASP A 413 17.64 3.37 -13.55
CA ASP A 413 18.39 4.44 -12.86
C ASP A 413 17.45 5.52 -12.34
N SER A 414 16.50 5.92 -13.18
CA SER A 414 15.47 6.85 -12.79
C SER A 414 14.81 6.34 -11.51
N GLY A 415 14.53 5.03 -11.48
CA GLY A 415 13.95 4.38 -10.32
C GLY A 415 14.85 4.37 -9.10
N LEU A 416 16.11 4.04 -9.33
CA LEU A 416 17.09 4.01 -8.26
C LEU A 416 17.35 5.42 -7.74
N LYS A 417 17.32 6.39 -8.65
CA LYS A 417 17.45 7.79 -8.25
C LYS A 417 16.28 8.20 -7.36
N ALA A 418 15.07 7.86 -7.78
CA ALA A 418 13.87 8.14 -7.00
C ALA A 418 13.92 7.41 -5.65
N PHE A 419 14.44 6.20 -5.67
CA PHE A 419 14.61 5.45 -4.45
C PHE A 419 15.49 6.17 -3.45
N TYR A 420 16.65 6.66 -3.91
CA TYR A 420 17.56 7.42 -3.06
C TYR A 420 16.97 8.76 -2.63
N GLN A 421 16.36 9.48 -3.56
CA GLN A 421 15.70 10.73 -3.24
C GLN A 421 14.58 10.54 -2.20
N GLY A 422 13.91 9.39 -2.26
CA GLY A 422 12.79 9.12 -1.36
C GLY A 422 13.26 8.94 0.06
N ILE A 423 14.44 8.32 0.21
CA ILE A 423 14.98 8.09 1.53
C ILE A 423 15.34 9.41 2.22
N VAL A 424 16.15 10.24 1.54
CA VAL A 424 16.61 11.48 2.12
C VAL A 424 15.45 12.41 2.52
N SER A 425 14.37 12.41 1.75
CA SER A 425 13.20 13.23 2.11
C SER A 425 12.54 12.77 3.40
N ASP A 426 12.53 11.47 3.64
CA ASP A 426 12.10 10.88 4.92
C ASP A 426 10.61 10.96 5.21
N LYS A 427 9.81 10.82 4.17
CA LYS A 427 8.37 10.78 4.31
C LYS A 427 7.92 9.34 4.28
N PRO A 428 6.84 9.04 4.98
CA PRO A 428 6.36 7.66 5.07
C PRO A 428 5.91 7.15 3.70
N GLN A 429 5.55 8.04 2.80
CA GLN A 429 4.96 7.64 1.55
C GLN A 429 5.41 8.53 0.42
N VAL A 430 5.92 7.91 -0.63
CA VAL A 430 6.40 8.63 -1.79
C VAL A 430 5.77 7.99 -3.00
N PHE A 431 5.11 8.77 -3.82
CA PHE A 431 4.45 8.27 -4.99
C PHE A 431 5.29 8.64 -6.21
N VAL A 432 5.75 7.64 -6.94
CA VAL A 432 6.66 7.90 -8.04
C VAL A 432 5.99 7.58 -9.37
N MET A 433 6.13 8.50 -10.29
CA MET A 433 5.51 8.39 -11.60
C MET A 433 6.57 8.74 -12.62
N GLU A 434 6.62 8.02 -13.74
CA GLU A 434 7.48 8.45 -14.85
C GLU A 434 6.68 8.53 -16.14
N GLY A 435 6.84 9.61 -16.89
CA GLY A 435 5.99 9.84 -18.05
C GLY A 435 6.09 11.30 -18.42
N GLN A 436 5.13 11.81 -19.19
CA GLN A 436 5.14 13.22 -19.53
C GLN A 436 4.52 14.08 -18.42
N LEU A 437 5.27 15.08 -17.96
CA LEU A 437 4.92 15.83 -16.75
C LEU A 437 3.54 16.46 -16.77
N GLN A 438 3.23 17.20 -17.83
CA GLN A 438 1.99 17.98 -17.88
C GLN A 438 0.74 17.10 -17.90
N LYS A 439 0.83 15.96 -18.57
CA LYS A 439 -0.27 14.99 -18.54
C LYS A 439 -0.45 14.42 -17.15
N MET A 440 0.65 14.03 -16.52
CA MET A 440 0.61 13.47 -15.18
C MET A 440 0.02 14.48 -14.21
N LYS A 441 0.61 15.66 -14.15
CA LYS A 441 0.16 16.71 -13.24
C LYS A 441 -1.29 17.08 -13.50
N GLN A 442 -1.69 17.07 -14.76
CA GLN A 442 -3.04 17.43 -15.16
C GLN A 442 -4.06 16.45 -14.59
N LYS A 443 -3.76 15.15 -14.71
CA LYS A 443 -4.59 14.13 -14.11
C LYS A 443 -4.65 14.26 -12.58
N LEU A 444 -3.50 14.47 -11.95
CA LEU A 444 -3.36 14.33 -10.50
C LEU A 444 -3.24 15.67 -9.76
N LEU A 445 -2.66 16.66 -10.43
CA LEU A 445 -2.20 17.89 -9.78
C LEU A 445 -0.95 17.63 -8.95
#